data_7PW1
#
_entry.id   7PW1
#
_cell.length_a   68.897
_cell.length_b   68.897
_cell.length_c   156.259
_cell.angle_alpha   90.00
_cell.angle_beta   90.00
_cell.angle_gamma   90.00
#
_symmetry.space_group_name_H-M   'P 43 21 2'
#
loop_
_entity.id
_entity.type
_entity.pdbx_description
1 polymer 'Haloalkane dehalogenase'
2 non-polymer 'CHLORIDE ION'
3 non-polymer 'SODIUM ION'
4 non-polymer 1,2-ETHANEDIOL
5 water water
#
_entity_poly.entity_id   1
_entity_poly.type   'polypeptide(L)'
_entity_poly.pdbx_seq_one_letter_code
;GAEPYGQKKFIEIAGKRMAYIDEGEGDPIVFQHGNPTSSYLWRNIMPHLEGLGRLIACDLIGMGDSDKLSPSGPDRYSYA
EHRDYLFALWEALDLGDNVVLVIHDWGSALGFDWANQHRDRVQGIAYMEAIVTPLEWADWPEEVRDIFQGFRSPAGEEMV
LENNIFVERVLPGAILRQLSDEEMAEYRRPFLNAGEDRRPTLSWPRQIPIDGEPADVVAIVSDYASWLAESDIPKLFINA
EPGAIVTGRMRDFCRSWPNQTEITVKGAHFIQEDSPDEIGAAIAEFVRRLRVAAGV
;
_entity_poly.pdbx_strand_id   A
#
loop_
_chem_comp.id
_chem_comp.type
_chem_comp.name
_chem_comp.formula
CL non-polymer 'CHLORIDE ION' 'Cl -1'
EDO non-polymer 1,2-ETHANEDIOL 'C2 H6 O2'
NA non-polymer 'SODIUM ION' 'Na 1'
#
# COMPACT_ATOMS: atom_id res chain seq x y z
N GLY A 1 -8.30 -18.95 -6.00
CA GLY A 1 -7.49 -17.92 -5.35
C GLY A 1 -7.06 -16.79 -6.26
N ALA A 2 -7.23 -16.97 -7.56
CA ALA A 2 -6.92 -15.96 -8.54
C ALA A 2 -8.08 -15.00 -8.84
N GLU A 3 -9.28 -15.32 -8.45
CA GLU A 3 -10.42 -14.48 -8.73
C GLU A 3 -10.43 -13.18 -7.95
N PRO A 4 -10.76 -12.10 -8.63
CA PRO A 4 -10.89 -10.86 -7.87
C PRO A 4 -12.04 -10.94 -6.85
N TYR A 5 -11.98 -10.08 -5.86
CA TYR A 5 -12.99 -10.04 -4.84
C TYR A 5 -14.04 -9.01 -5.16
N GLY A 6 -15.29 -9.39 -5.12
CA GLY A 6 -16.36 -8.47 -5.38
C GLY A 6 -16.45 -7.89 -6.77
N GLN A 7 -17.16 -6.76 -6.87
CA GLN A 7 -17.35 -6.06 -8.13
C GLN A 7 -17.06 -4.58 -7.87
N LYS A 8 -16.13 -4.03 -8.65
CA LYS A 8 -15.74 -2.61 -8.48
C LYS A 8 -16.81 -1.60 -8.81
N LYS A 9 -16.83 -0.58 -8.01
N LYS A 9 -16.79 -0.55 -8.06
CA LYS A 9 -17.59 0.66 -8.12
CA LYS A 9 -17.57 0.66 -8.20
C LYS A 9 -16.66 1.75 -8.63
C LYS A 9 -16.66 1.76 -8.63
N PHE A 10 -17.26 2.82 -9.16
CA PHE A 10 -16.48 3.89 -9.73
C PHE A 10 -16.99 5.27 -9.28
N ILE A 11 -16.11 6.18 -8.92
CA ILE A 11 -16.44 7.60 -8.54
C ILE A 11 -15.52 8.45 -9.29
N GLU A 12 -16.00 9.60 -9.76
N GLU A 12 -15.98 9.59 -9.85
CA GLU A 12 -15.16 10.55 -10.44
CA GLU A 12 -15.11 10.53 -10.50
C GLU A 12 -14.60 11.53 -9.41
C GLU A 12 -14.59 11.55 -9.43
N ILE A 13 -13.29 11.64 -9.38
CA ILE A 13 -12.52 12.55 -8.46
C ILE A 13 -11.66 13.34 -9.34
N ALA A 14 -11.83 14.65 -9.21
CA ALA A 14 -11.00 15.60 -9.95
C ALA A 14 -10.79 15.24 -11.42
N GLY A 15 -11.88 14.94 -12.06
CA GLY A 15 -11.98 14.62 -13.47
C GLY A 15 -11.45 13.30 -13.90
N LYS A 16 -11.20 12.35 -12.97
CA LYS A 16 -10.75 11.06 -13.22
C LYS A 16 -11.57 10.00 -12.52
N ARG A 17 -11.78 8.89 -13.19
N ARG A 17 -11.78 8.88 -13.23
CA ARG A 17 -12.51 7.84 -12.54
CA ARG A 17 -12.30 7.65 -12.58
C ARG A 17 -11.60 7.03 -11.65
C ARG A 17 -11.37 7.06 -11.58
N MET A 18 -12.02 6.88 -10.41
N MET A 18 -11.96 6.81 -10.40
CA MET A 18 -11.34 6.01 -9.46
CA MET A 18 -11.34 5.93 -9.49
C MET A 18 -12.24 4.79 -9.27
C MET A 18 -12.24 4.78 -9.17
N ALA A 19 -11.58 3.62 -9.17
CA ALA A 19 -12.23 2.34 -9.02
C ALA A 19 -11.96 1.84 -7.61
N TYR A 20 -12.95 1.21 -7.03
CA TYR A 20 -12.81 0.71 -5.69
C TYR A 20 -13.84 -0.38 -5.37
N ILE A 21 -13.50 -1.22 -4.39
CA ILE A 21 -14.44 -2.16 -3.82
C ILE A 21 -15.11 -1.56 -2.63
N ASP A 22 -16.39 -1.75 -2.46
CA ASP A 22 -17.12 -1.22 -1.30
C ASP A 22 -18.28 -2.17 -1.06
N GLU A 23 -18.07 -3.10 -0.14
CA GLU A 23 -19.05 -4.15 0.14
C GLU A 23 -19.41 -4.28 1.60
N GLY A 24 -20.67 -4.44 1.90
CA GLY A 24 -21.05 -4.62 3.30
C GLY A 24 -21.46 -3.40 4.02
N GLU A 25 -21.92 -3.58 5.27
CA GLU A 25 -22.48 -2.55 6.09
C GLU A 25 -21.65 -2.34 7.32
N GLY A 26 -21.73 -1.14 7.85
CA GLY A 26 -21.11 -0.92 9.15
C GLY A 26 -19.93 0.07 9.05
N ASP A 27 -19.14 0.11 10.04
CA ASP A 27 -17.96 0.95 10.11
C ASP A 27 -16.92 0.34 9.15
N PRO A 28 -16.12 1.17 8.44
CA PRO A 28 -15.29 0.72 7.39
C PRO A 28 -14.00 0.03 7.89
N ILE A 29 -13.61 -0.92 7.03
CA ILE A 29 -12.33 -1.53 7.07
C ILE A 29 -11.69 -1.32 5.71
N VAL A 30 -10.64 -0.48 5.73
CA VAL A 30 -10.10 0.15 4.53
C VAL A 30 -8.80 -0.49 4.19
N PHE A 31 -8.71 -1.22 3.08
CA PHE A 31 -7.49 -1.89 2.65
C PHE A 31 -6.78 -1.15 1.60
N GLN A 32 -5.52 -0.72 1.80
CA GLN A 32 -4.82 0.05 0.81
C GLN A 32 -3.58 -0.57 0.31
N HIS A 33 -3.54 -0.90 -0.96
CA HIS A 33 -2.40 -1.36 -1.69
C HIS A 33 -1.37 -0.28 -1.94
N GLY A 34 -0.22 -0.73 -2.42
CA GLY A 34 0.88 0.08 -2.91
C GLY A 34 1.40 -0.25 -4.23
N ASN A 35 2.70 -0.15 -4.44
CA ASN A 35 3.29 -0.33 -5.72
C ASN A 35 3.68 -1.81 -5.95
N PRO A 36 3.56 -2.41 -7.14
CA PRO A 36 2.85 -2.00 -8.29
C PRO A 36 1.52 -2.79 -8.37
N THR A 37 0.74 -2.76 -7.27
CA THR A 37 -0.39 -3.61 -7.07
C THR A 37 -1.68 -2.82 -7.21
N SER A 38 -2.78 -3.31 -6.71
CA SER A 38 -4.07 -2.73 -6.80
C SER A 38 -4.89 -3.33 -5.71
N SER A 39 -6.21 -3.06 -5.67
CA SER A 39 -7.12 -3.69 -4.75
C SER A 39 -7.02 -5.25 -4.83
N TYR A 40 -6.62 -5.78 -5.96
CA TYR A 40 -6.48 -7.21 -6.15
C TYR A 40 -5.60 -7.91 -5.11
N LEU A 41 -4.61 -7.20 -4.63
CA LEU A 41 -3.71 -7.66 -3.64
C LEU A 41 -4.41 -8.25 -2.46
N TRP A 42 -5.58 -7.75 -2.11
CA TRP A 42 -6.28 -8.09 -0.94
C TRP A 42 -7.39 -9.15 -1.07
N ARG A 43 -7.46 -9.72 -2.27
CA ARG A 43 -8.67 -10.54 -2.64
C ARG A 43 -8.83 -11.78 -1.77
N ASN A 44 -7.72 -12.32 -1.23
CA ASN A 44 -7.89 -13.54 -0.34
C ASN A 44 -7.86 -13.22 1.10
N ILE A 45 -7.74 -11.91 1.47
CA ILE A 45 -7.79 -11.39 2.80
C ILE A 45 -9.12 -10.89 3.15
N MET A 46 -9.68 -10.04 2.25
CA MET A 46 -11.02 -9.43 2.49
C MET A 46 -12.17 -10.39 2.86
N PRO A 47 -12.23 -11.61 2.32
CA PRO A 47 -13.37 -12.50 2.74
C PRO A 47 -13.37 -12.83 4.23
N HIS A 48 -12.24 -12.75 4.92
CA HIS A 48 -12.19 -13.00 6.36
C HIS A 48 -12.76 -11.91 7.16
N LEU A 49 -13.13 -10.75 6.55
CA LEU A 49 -13.73 -9.67 7.26
C LEU A 49 -15.20 -9.49 6.95
N GLU A 50 -15.82 -10.37 6.14
CA GLU A 50 -17.20 -10.33 5.84
C GLU A 50 -18.04 -10.29 7.09
N GLY A 51 -18.96 -9.36 7.13
CA GLY A 51 -19.87 -9.17 8.27
C GLY A 51 -19.30 -8.46 9.44
N LEU A 52 -18.00 -8.00 9.37
CA LEU A 52 -17.42 -7.30 10.42
C LEU A 52 -17.29 -5.74 10.19
N GLY A 53 -17.71 -5.43 8.98
CA GLY A 53 -17.64 -3.95 8.63
C GLY A 53 -17.88 -3.81 7.16
N ARG A 54 -17.81 -2.56 6.74
CA ARG A 54 -17.92 -2.15 5.36
C ARG A 54 -16.51 -2.26 4.78
N LEU A 55 -16.37 -3.12 3.81
CA LEU A 55 -15.03 -3.49 3.29
C LEU A 55 -14.76 -2.66 2.03
N ILE A 56 -13.65 -1.86 2.12
CA ILE A 56 -13.30 -0.88 1.08
C ILE A 56 -11.91 -1.16 0.62
N ALA A 57 -11.68 -1.20 -0.68
CA ALA A 57 -10.32 -1.31 -1.23
C ALA A 57 -10.24 -0.52 -2.49
N CYS A 58 -9.49 0.57 -2.43
CA CYS A 58 -9.41 1.52 -3.50
C CYS A 58 -8.25 1.27 -4.37
N ASP A 59 -8.38 1.52 -5.69
CA ASP A 59 -7.24 1.49 -6.62
C ASP A 59 -6.69 2.89 -6.74
N LEU A 60 -5.41 3.06 -6.46
CA LEU A 60 -4.74 4.39 -6.57
C LEU A 60 -4.84 4.84 -7.99
N ILE A 61 -4.74 6.18 -8.12
CA ILE A 61 -4.79 6.79 -9.48
C ILE A 61 -3.77 6.22 -10.37
N GLY A 62 -4.14 5.97 -11.59
CA GLY A 62 -3.26 5.34 -12.53
C GLY A 62 -2.93 3.89 -12.38
N MET A 63 -3.58 3.26 -11.40
CA MET A 63 -3.28 1.85 -11.03
C MET A 63 -4.61 1.13 -11.09
N GLY A 64 -4.56 -0.23 -11.14
CA GLY A 64 -5.80 -1.00 -11.17
C GLY A 64 -6.67 -0.53 -12.24
N ASP A 65 -7.93 -0.28 -11.88
CA ASP A 65 -8.95 0.21 -12.84
C ASP A 65 -9.22 1.66 -12.71
N SER A 66 -8.42 2.38 -11.95
CA SER A 66 -8.51 3.88 -11.97
C SER A 66 -7.90 4.44 -13.18
N ASP A 67 -8.41 5.61 -13.61
CA ASP A 67 -7.88 6.24 -14.79
C ASP A 67 -6.48 6.70 -14.65
N LYS A 68 -5.80 6.81 -15.78
CA LYS A 68 -4.46 7.38 -15.88
C LYS A 68 -4.52 8.97 -15.87
N LEU A 69 -3.51 9.53 -15.27
CA LEU A 69 -3.32 10.99 -15.42
C LEU A 69 -2.87 11.32 -16.83
N SER A 70 -3.15 12.58 -17.18
N SER A 70 -3.02 12.56 -17.23
CA SER A 70 -2.63 13.11 -18.51
CA SER A 70 -2.51 12.88 -18.65
C SER A 70 -2.31 14.61 -18.42
C SER A 70 -2.44 14.37 -18.70
N PRO A 71 -1.24 14.96 -19.10
CA PRO A 71 -0.13 14.26 -19.64
C PRO A 71 0.75 13.69 -18.55
N SER A 72 1.00 12.39 -18.67
CA SER A 72 1.95 11.73 -17.71
C SER A 72 3.35 11.97 -17.98
N GLY A 73 4.17 12.05 -16.99
CA GLY A 73 5.60 12.22 -17.11
C GLY A 73 6.26 12.25 -15.77
N PRO A 74 7.51 12.61 -15.64
CA PRO A 74 8.22 12.49 -14.46
C PRO A 74 7.78 13.30 -13.25
N ASP A 75 7.00 14.33 -13.51
CA ASP A 75 6.48 15.17 -12.48
C ASP A 75 5.11 14.70 -11.98
N ARG A 76 4.62 13.61 -12.51
CA ARG A 76 3.32 13.09 -12.12
C ARG A 76 3.42 11.85 -11.20
N TYR A 77 2.33 11.57 -10.51
CA TYR A 77 2.22 10.44 -9.62
C TYR A 77 3.16 10.51 -8.42
N SER A 78 3.43 11.70 -7.96
CA SER A 78 4.18 11.84 -6.76
C SER A 78 3.31 11.41 -5.58
N TYR A 79 3.93 11.24 -4.43
CA TYR A 79 3.16 10.96 -3.25
C TYR A 79 2.04 11.99 -3.04
N ALA A 80 2.35 13.27 -3.19
CA ALA A 80 1.37 14.22 -2.89
C ALA A 80 0.20 14.18 -3.88
N GLU A 81 0.48 13.89 -5.12
CA GLU A 81 -0.57 13.76 -6.13
C GLU A 81 -1.49 12.52 -5.83
N HIS A 82 -0.85 11.44 -5.48
CA HIS A 82 -1.63 10.29 -5.03
C HIS A 82 -2.47 10.52 -3.87
N ARG A 83 -1.91 11.26 -2.90
N ARG A 83 -1.91 11.26 -2.85
CA ARG A 83 -2.62 11.61 -1.70
CA ARG A 83 -2.60 11.66 -1.67
C ARG A 83 -3.82 12.50 -2.02
C ARG A 83 -3.81 12.53 -2.00
N ASP A 84 -3.64 13.43 -2.95
CA ASP A 84 -4.75 14.28 -3.33
C ASP A 84 -5.92 13.43 -3.83
N TYR A 85 -5.65 12.54 -4.77
CA TYR A 85 -6.72 11.69 -5.27
C TYR A 85 -7.31 10.74 -4.25
N LEU A 86 -6.45 10.06 -3.49
CA LEU A 86 -6.98 9.08 -2.53
C LEU A 86 -7.70 9.71 -1.37
N PHE A 87 -7.18 10.80 -0.84
CA PHE A 87 -7.84 11.44 0.27
C PHE A 87 -9.20 12.01 -0.18
N ALA A 88 -9.29 12.52 -1.40
CA ALA A 88 -10.53 12.98 -1.91
C ALA A 88 -11.52 11.84 -2.02
N LEU A 89 -11.09 10.70 -2.52
CA LEU A 89 -11.95 9.52 -2.63
C LEU A 89 -12.43 9.12 -1.26
N TRP A 90 -11.53 9.03 -0.25
CA TRP A 90 -11.92 8.65 1.06
C TRP A 90 -12.94 9.56 1.65
N GLU A 91 -12.82 10.86 1.34
CA GLU A 91 -13.82 11.83 1.81
C GLU A 91 -15.18 11.59 1.16
N ALA A 92 -15.15 11.38 -0.14
CA ALA A 92 -16.33 11.13 -0.91
C ALA A 92 -17.08 9.89 -0.47
N LEU A 93 -16.33 8.90 0.03
CA LEU A 93 -16.91 7.62 0.50
C LEU A 93 -17.57 7.69 1.87
N ASP A 94 -17.53 8.81 2.57
CA ASP A 94 -18.21 9.03 3.84
C ASP A 94 -17.94 7.90 4.81
N LEU A 95 -16.71 7.86 5.21
CA LEU A 95 -16.21 6.75 6.07
C LEU A 95 -16.66 6.82 7.49
N GLY A 96 -16.93 8.02 8.01
CA GLY A 96 -17.18 8.14 9.46
C GLY A 96 -15.99 8.11 10.28
N ASP A 97 -16.19 7.92 11.58
CA ASP A 97 -15.13 8.12 12.55
C ASP A 97 -14.58 6.93 13.34
N ASN A 98 -14.86 5.76 12.87
CA ASN A 98 -14.43 4.47 13.42
C ASN A 98 -13.81 3.62 12.38
N VAL A 99 -12.81 4.14 11.70
CA VAL A 99 -12.20 3.50 10.53
C VAL A 99 -11.07 2.58 11.01
N VAL A 100 -11.07 1.31 10.49
CA VAL A 100 -9.89 0.48 10.61
C VAL A 100 -9.15 0.50 9.34
N LEU A 101 -7.89 0.82 9.34
CA LEU A 101 -6.97 0.80 8.25
C LEU A 101 -6.16 -0.46 8.18
N VAL A 102 -6.08 -1.03 6.98
CA VAL A 102 -5.29 -2.25 6.69
C VAL A 102 -4.36 -1.94 5.59
N ILE A 103 -3.05 -1.80 5.80
CA ILE A 103 -2.18 -1.08 4.94
C ILE A 103 -0.91 -1.73 4.60
N HIS A 104 -0.36 -1.51 3.42
CA HIS A 104 0.88 -2.12 2.98
C HIS A 104 1.72 -1.19 2.08
N ASP A 105 3.04 -1.24 2.11
CA ASP A 105 3.85 -0.47 1.11
C ASP A 105 3.46 1.00 1.00
N TRP A 106 3.33 1.57 -0.20
CA TRP A 106 2.87 2.97 -0.21
C TRP A 106 1.52 3.15 0.35
N GLY A 107 0.66 2.13 0.38
CA GLY A 107 -0.59 2.22 1.10
C GLY A 107 -0.44 2.55 2.57
N SER A 108 0.65 2.09 3.15
CA SER A 108 0.93 2.38 4.59
C SER A 108 1.38 3.87 4.73
N ALA A 109 2.15 4.36 3.77
CA ALA A 109 2.52 5.85 3.91
C ALA A 109 1.28 6.66 3.84
N LEU A 110 0.40 6.38 2.85
CA LEU A 110 -0.80 7.09 2.73
C LEU A 110 -1.72 6.94 3.87
N GLY A 111 -1.92 5.71 4.37
CA GLY A 111 -2.79 5.47 5.46
C GLY A 111 -2.29 6.00 6.83
N PHE A 112 -1.03 5.86 7.10
CA PHE A 112 -0.47 6.40 8.32
C PHE A 112 -0.59 7.93 8.27
N ASP A 113 -0.33 8.52 7.11
CA ASP A 113 -0.46 10.02 6.97
C ASP A 113 -1.89 10.39 7.19
N TRP A 114 -2.86 9.73 6.57
CA TRP A 114 -4.27 9.99 6.81
C TRP A 114 -4.64 9.91 8.24
N ALA A 115 -4.24 8.85 8.97
CA ALA A 115 -4.54 8.69 10.29
C ALA A 115 -3.86 9.81 11.10
N ASN A 116 -2.65 10.19 10.82
CA ASN A 116 -2.01 11.27 11.55
C ASN A 116 -2.81 12.56 11.40
N GLN A 117 -3.42 12.76 10.25
CA GLN A 117 -4.26 13.97 10.02
C GLN A 117 -5.62 13.88 10.52
N HIS A 118 -6.17 12.67 10.86
CA HIS A 118 -7.49 12.39 11.28
C HIS A 118 -7.45 11.45 12.48
N ARG A 119 -6.71 11.83 13.50
CA ARG A 119 -6.51 10.96 14.64
C ARG A 119 -7.76 10.52 15.37
N ASP A 120 -8.79 11.33 15.32
CA ASP A 120 -10.01 11.03 15.97
C ASP A 120 -10.96 10.14 15.18
N ARG A 121 -10.59 9.76 13.97
CA ARG A 121 -11.45 8.96 13.13
C ARG A 121 -10.95 7.53 12.90
N VAL A 122 -9.83 7.17 13.53
CA VAL A 122 -9.21 5.86 13.28
C VAL A 122 -9.39 5.02 14.52
N GLN A 123 -10.05 3.89 14.38
CA GLN A 123 -10.26 2.91 15.44
C GLN A 123 -9.11 2.03 15.62
N GLY A 124 -8.37 1.70 14.54
CA GLY A 124 -7.20 0.81 14.69
C GLY A 124 -6.49 0.72 13.33
N ILE A 125 -5.24 0.35 13.38
CA ILE A 125 -4.32 0.23 12.24
C ILE A 125 -3.69 -1.13 12.22
N ALA A 126 -3.92 -1.92 11.11
CA ALA A 126 -3.16 -3.12 10.85
C ALA A 126 -2.21 -2.86 9.75
N TYR A 127 -0.95 -3.11 9.92
CA TYR A 127 0.03 -2.81 8.90
C TYR A 127 1.04 -3.94 8.72
N MET A 128 1.68 -3.95 7.56
CA MET A 128 2.63 -4.95 7.18
C MET A 128 3.53 -4.45 6.13
N GLU A 129 4.79 -4.79 6.17
CA GLU A 129 5.72 -4.44 5.12
C GLU A 129 5.47 -3.02 4.65
N ALA A 130 5.57 -2.16 5.64
CA ALA A 130 5.24 -0.75 5.54
C ALA A 130 6.40 0.19 5.65
N ILE A 131 6.14 1.44 5.29
CA ILE A 131 7.09 2.53 5.49
C ILE A 131 6.80 3.12 6.78
N VAL A 132 7.66 2.80 7.77
CA VAL A 132 7.44 3.13 9.18
C VAL A 132 8.34 4.29 9.72
N THR A 133 9.32 4.60 8.97
CA THR A 133 10.34 5.70 9.39
C THR A 133 11.21 5.89 8.21
N PRO A 134 11.89 7.05 8.06
CA PRO A 134 12.73 7.27 6.94
C PRO A 134 13.90 6.32 6.84
N LEU A 135 14.32 5.94 5.65
CA LEU A 135 15.25 4.91 5.40
C LEU A 135 16.62 5.43 5.07
N GLU A 136 17.59 4.49 5.13
CA GLU A 136 18.89 4.67 4.43
C GLU A 136 19.07 3.47 3.63
N TRP A 137 20.04 3.54 2.68
CA TRP A 137 20.31 2.40 1.80
C TRP A 137 20.67 1.09 2.48
N ALA A 138 21.29 1.18 3.64
CA ALA A 138 21.57 -0.02 4.48
C ALA A 138 20.30 -0.78 4.92
N ASP A 139 19.17 -0.08 5.07
CA ASP A 139 17.95 -0.71 5.43
C ASP A 139 17.31 -1.50 4.28
N TRP A 140 17.68 -1.17 3.05
CA TRP A 140 17.09 -1.81 1.90
C TRP A 140 17.70 -3.20 1.63
N PRO A 141 16.88 -4.22 1.30
CA PRO A 141 17.43 -5.55 1.05
C PRO A 141 18.55 -5.50 -0.02
N GLU A 142 19.73 -6.00 0.32
CA GLU A 142 20.88 -5.90 -0.58
C GLU A 142 20.64 -6.35 -2.09
N GLU A 143 19.87 -7.40 -2.21
CA GLU A 143 19.60 -8.04 -3.47
C GLU A 143 18.79 -7.20 -4.41
N VAL A 144 18.11 -6.18 -3.90
CA VAL A 144 17.42 -5.27 -4.84
C VAL A 144 17.91 -3.88 -4.72
N ARG A 145 19.05 -3.63 -4.06
CA ARG A 145 19.47 -2.30 -3.95
C ARG A 145 19.86 -1.67 -5.31
N ASP A 146 20.55 -2.45 -6.12
CA ASP A 146 21.03 -1.98 -7.43
C ASP A 146 19.88 -1.58 -8.34
N ILE A 147 18.78 -2.31 -8.23
CA ILE A 147 17.61 -2.07 -9.04
C ILE A 147 16.94 -0.79 -8.56
N PHE A 148 16.79 -0.66 -7.25
CA PHE A 148 16.22 0.57 -6.76
C PHE A 148 16.96 1.83 -6.92
N GLN A 149 18.33 1.66 -6.84
CA GLN A 149 19.13 2.90 -7.16
C GLN A 149 19.03 3.17 -8.65
N GLY A 150 18.85 2.17 -9.51
CA GLY A 150 18.58 2.33 -10.92
C GLY A 150 17.28 3.15 -11.23
N PHE A 151 16.24 2.76 -10.51
CA PHE A 151 14.98 3.44 -10.64
C PHE A 151 15.17 4.91 -10.31
N ARG A 152 15.94 5.19 -9.27
CA ARG A 152 16.19 6.52 -8.82
C ARG A 152 17.39 7.13 -9.53
N SER A 153 17.41 7.00 -10.84
CA SER A 153 18.52 7.50 -11.74
C SER A 153 17.89 7.71 -13.01
N PRO A 154 18.56 8.36 -14.00
CA PRO A 154 17.99 8.46 -15.32
C PRO A 154 17.76 7.23 -16.08
N ALA A 155 18.31 6.09 -15.65
CA ALA A 155 18.08 4.85 -16.22
C ALA A 155 16.60 4.29 -15.94
N GLY A 156 15.94 4.90 -14.98
CA GLY A 156 14.61 4.44 -14.57
C GLY A 156 13.57 4.36 -15.64
N GLU A 157 13.52 5.35 -16.52
CA GLU A 157 12.55 5.34 -17.58
C GLU A 157 12.72 4.11 -18.46
N GLU A 158 13.92 3.78 -18.85
CA GLU A 158 14.09 2.59 -19.65
C GLU A 158 13.72 1.32 -18.89
N MET A 159 14.12 1.26 -17.64
CA MET A 159 13.86 0.14 -16.80
C MET A 159 12.34 -0.14 -16.62
N VAL A 160 11.59 0.92 -16.45
CA VAL A 160 10.18 0.78 -16.19
C VAL A 160 9.28 1.07 -17.35
N LEU A 161 9.41 2.23 -17.95
CA LEU A 161 8.53 2.52 -19.02
C LEU A 161 8.68 1.57 -20.20
N GLU A 162 9.96 1.25 -20.51
CA GLU A 162 10.12 0.30 -21.61
CA GLU A 162 10.20 0.30 -21.59
C GLU A 162 10.16 -1.16 -21.21
N ASN A 163 10.83 -1.54 -20.13
CA ASN A 163 11.07 -2.88 -19.72
C ASN A 163 10.14 -3.38 -18.57
N ASN A 164 9.28 -2.47 -18.09
CA ASN A 164 8.26 -2.94 -17.00
C ASN A 164 8.90 -3.68 -15.91
N ILE A 165 10.11 -3.36 -15.44
CA ILE A 165 10.81 -4.18 -14.50
C ILE A 165 10.15 -4.32 -13.12
N PHE A 166 9.40 -3.29 -12.69
CA PHE A 166 8.78 -3.40 -11.33
C PHE A 166 7.79 -4.49 -11.39
N VAL A 167 6.86 -4.49 -12.40
CA VAL A 167 5.86 -5.58 -12.56
C VAL A 167 6.48 -6.91 -12.80
N GLU A 168 7.49 -6.96 -13.76
CA GLU A 168 7.91 -8.23 -14.28
C GLU A 168 8.98 -8.90 -13.44
N ARG A 169 9.74 -8.17 -12.68
CA ARG A 169 10.84 -8.64 -11.90
C ARG A 169 10.63 -8.42 -10.40
N VAL A 170 10.44 -7.16 -9.97
CA VAL A 170 10.42 -6.91 -8.57
C VAL A 170 9.21 -7.58 -7.87
N LEU A 171 8.02 -7.50 -8.46
CA LEU A 171 6.84 -8.05 -7.85
C LEU A 171 7.02 -9.56 -7.64
N PRO A 172 7.24 -10.34 -8.72
CA PRO A 172 7.36 -11.81 -8.41
C PRO A 172 8.59 -12.12 -7.65
N GLY A 173 9.62 -11.32 -7.68
CA GLY A 173 10.82 -11.54 -6.88
C GLY A 173 10.62 -11.48 -5.44
N ALA A 174 9.55 -10.79 -4.97
CA ALA A 174 9.29 -10.57 -3.55
C ALA A 174 8.02 -11.27 -3.08
N ILE A 175 7.64 -12.33 -3.82
CA ILE A 175 6.61 -13.28 -3.51
C ILE A 175 7.29 -14.69 -3.45
N LEU A 176 7.08 -15.36 -2.36
CA LEU A 176 7.77 -16.70 -2.17
C LEU A 176 7.21 -17.75 -3.07
N ARG A 177 5.91 -17.79 -3.27
CA ARG A 177 5.35 -18.73 -4.22
C ARG A 177 5.43 -18.17 -5.65
N GLN A 178 5.12 -19.02 -6.61
CA GLN A 178 4.99 -18.61 -8.00
C GLN A 178 3.55 -18.24 -8.31
N LEU A 179 3.30 -16.98 -8.79
CA LEU A 179 1.98 -16.67 -9.20
C LEU A 179 1.59 -17.45 -10.44
N SER A 180 0.33 -17.68 -10.57
CA SER A 180 -0.25 -18.27 -11.78
C SER A 180 -0.20 -17.32 -12.92
N ASP A 181 -0.34 -17.83 -14.13
CA ASP A 181 -0.32 -16.96 -15.27
C ASP A 181 -1.47 -15.97 -15.18
N GLU A 182 -2.59 -16.43 -14.69
CA GLU A 182 -3.75 -15.59 -14.56
C GLU A 182 -3.54 -14.47 -13.55
N GLU A 183 -2.93 -14.82 -12.45
CA GLU A 183 -2.58 -13.73 -11.43
C GLU A 183 -1.72 -12.76 -12.01
N MET A 184 -0.72 -13.26 -12.72
CA MET A 184 0.27 -12.42 -13.37
C MET A 184 -0.40 -11.42 -14.31
N ALA A 185 -1.29 -11.94 -15.16
CA ALA A 185 -2.00 -11.14 -16.11
C ALA A 185 -2.83 -10.06 -15.56
N GLU A 186 -3.38 -10.33 -14.36
CA GLU A 186 -4.14 -9.30 -13.62
C GLU A 186 -3.21 -8.23 -13.17
N TYR A 187 -2.08 -8.59 -12.59
CA TYR A 187 -1.15 -7.56 -12.18
C TYR A 187 -0.55 -6.74 -13.33
N ARG A 188 -0.39 -7.35 -14.49
CA ARG A 188 0.13 -6.68 -15.64
C ARG A 188 -0.83 -5.79 -16.35
N ARG A 189 -2.09 -6.14 -16.24
CA ARG A 189 -3.16 -5.48 -16.96
C ARG A 189 -3.15 -3.94 -17.09
N PRO A 190 -2.97 -3.24 -15.96
CA PRO A 190 -2.92 -1.79 -16.02
C PRO A 190 -1.74 -1.21 -16.65
N PHE A 191 -0.73 -2.07 -16.91
CA PHE A 191 0.64 -1.62 -17.37
C PHE A 191 1.08 -2.32 -18.60
N LEU A 192 0.12 -2.90 -19.37
CA LEU A 192 0.50 -3.62 -20.55
C LEU A 192 1.21 -2.86 -21.61
N ASN A 193 0.92 -1.58 -21.80
CA ASN A 193 1.52 -0.75 -22.83
C ASN A 193 2.76 -0.12 -22.39
N ALA A 194 3.85 -0.26 -23.13
CA ALA A 194 5.04 0.48 -22.82
C ALA A 194 4.79 1.95 -22.92
N GLY A 195 5.49 2.74 -22.14
CA GLY A 195 5.31 4.16 -22.10
C GLY A 195 4.64 4.61 -20.76
N GLU A 196 4.05 5.75 -20.81
CA GLU A 196 3.56 6.44 -19.68
C GLU A 196 2.51 5.65 -18.90
N ASP A 197 1.84 4.68 -19.42
CA ASP A 197 0.93 3.92 -18.60
C ASP A 197 1.66 3.29 -17.44
N ARG A 198 2.90 3.06 -17.56
CA ARG A 198 3.74 2.41 -16.49
C ARG A 198 4.31 3.38 -15.53
N ARG A 199 4.19 4.71 -15.76
CA ARG A 199 4.74 5.71 -14.92
C ARG A 199 4.55 5.56 -13.40
N PRO A 200 3.33 5.17 -12.93
CA PRO A 200 3.21 5.13 -11.44
C PRO A 200 4.19 4.22 -10.83
N THR A 201 4.58 3.14 -11.60
CA THR A 201 5.47 2.19 -11.05
C THR A 201 6.94 2.58 -10.93
N LEU A 202 7.25 3.72 -11.64
CA LEU A 202 8.57 4.38 -11.55
C LEU A 202 8.52 5.57 -10.65
N SER A 203 7.41 6.40 -10.68
CA SER A 203 7.32 7.48 -9.74
C SER A 203 7.40 7.06 -8.28
N TRP A 204 6.77 5.91 -7.97
CA TRP A 204 6.76 5.45 -6.62
C TRP A 204 8.16 5.20 -6.06
N PRO A 205 9.03 4.45 -6.74
CA PRO A 205 10.35 4.22 -6.03
C PRO A 205 11.13 5.53 -5.89
N ARG A 206 10.84 6.50 -6.72
CA ARG A 206 11.46 7.79 -6.62
C ARG A 206 10.92 8.62 -5.46
N GLN A 207 9.88 8.14 -4.82
CA GLN A 207 9.36 8.84 -3.68
C GLN A 207 9.81 8.21 -2.35
N ILE A 208 10.46 7.04 -2.39
CA ILE A 208 10.78 6.37 -1.13
C ILE A 208 11.71 7.31 -0.33
N PRO A 209 11.49 7.47 0.94
CA PRO A 209 12.36 8.45 1.77
C PRO A 209 13.66 7.76 2.11
N ILE A 210 14.72 7.97 1.28
CA ILE A 210 15.97 7.25 1.54
C ILE A 210 17.06 8.32 1.53
N ASP A 211 17.87 8.28 2.55
CA ASP A 211 18.98 9.21 2.69
C ASP A 211 18.54 10.64 2.63
N GLY A 212 17.39 10.96 3.19
CA GLY A 212 16.90 12.26 3.25
C GLY A 212 16.19 12.85 2.00
N GLU A 213 15.99 12.02 1.00
CA GLU A 213 15.35 12.45 -0.21
C GLU A 213 14.29 11.46 -0.70
N PRO A 214 13.17 11.96 -1.22
CA PRO A 214 12.77 13.37 -1.33
C PRO A 214 12.40 13.92 -0.02
N ALA A 215 12.82 15.17 0.22
CA ALA A 215 12.60 15.79 1.49
C ALA A 215 11.15 15.92 1.95
N ASP A 216 10.23 16.17 1.06
CA ASP A 216 8.89 16.36 1.40
C ASP A 216 8.34 15.00 2.02
N VAL A 217 8.66 13.93 1.34
CA VAL A 217 8.17 12.60 1.84
C VAL A 217 8.86 12.21 3.13
N VAL A 218 10.17 12.49 3.26
CA VAL A 218 10.84 12.26 4.52
C VAL A 218 10.13 12.93 5.67
N ALA A 219 9.74 14.19 5.45
CA ALA A 219 9.10 14.92 6.51
C ALA A 219 7.75 14.35 6.91
N ILE A 220 6.94 13.96 5.85
CA ILE A 220 5.63 13.37 6.08
C ILE A 220 5.80 12.06 6.97
N VAL A 221 6.75 11.25 6.58
CA VAL A 221 7.01 9.97 7.22
C VAL A 221 7.54 10.19 8.68
N SER A 222 8.51 11.10 8.82
CA SER A 222 8.97 11.44 10.16
CA SER A 222 8.99 11.39 10.13
C SER A 222 7.89 11.87 11.05
N ASP A 223 6.97 12.65 10.53
CA ASP A 223 5.83 13.18 11.29
C ASP A 223 4.94 12.06 11.80
N TYR A 224 4.54 11.17 10.91
CA TYR A 224 3.69 10.09 11.37
C TYR A 224 4.43 9.08 12.22
N ALA A 225 5.70 8.89 11.96
CA ALA A 225 6.53 7.89 12.76
C ALA A 225 6.59 8.37 14.22
N SER A 226 6.77 9.69 14.38
N SER A 226 6.76 9.69 14.40
CA SER A 226 6.88 10.24 15.76
CA SER A 226 6.92 10.15 15.82
C SER A 226 5.60 10.17 16.47
C SER A 226 5.59 10.23 16.50
N TRP A 227 4.51 10.31 15.74
CA TRP A 227 3.18 10.25 16.31
C TRP A 227 2.87 8.78 16.69
N LEU A 228 3.10 7.85 15.76
CA LEU A 228 2.75 6.44 16.01
C LEU A 228 3.57 5.91 17.27
N ALA A 229 4.83 6.34 17.39
CA ALA A 229 5.67 5.83 18.51
C ALA A 229 5.09 6.22 19.88
N GLU A 230 4.22 7.21 19.93
CA GLU A 230 3.59 7.62 21.20
C GLU A 230 2.18 7.46 21.29
N SER A 231 1.52 7.04 20.19
CA SER A 231 0.11 7.00 20.13
C SER A 231 -0.54 5.74 20.77
N ASP A 232 -1.66 5.94 21.41
CA ASP A 232 -2.37 4.84 21.98
C ASP A 232 -3.40 4.21 21.05
N ILE A 233 -3.41 4.62 19.79
CA ILE A 233 -4.28 3.97 18.91
C ILE A 233 -3.98 2.44 18.79
N PRO A 234 -4.98 1.61 18.77
CA PRO A 234 -4.74 0.14 18.69
C PRO A 234 -4.00 -0.19 17.35
N LYS A 235 -3.00 -1.08 17.41
CA LYS A 235 -2.27 -1.45 16.25
C LYS A 235 -2.18 -2.95 16.16
N LEU A 236 -2.12 -3.47 14.94
CA LEU A 236 -1.76 -4.86 14.63
C LEU A 236 -0.59 -4.81 13.69
N PHE A 237 0.55 -5.32 14.10
CA PHE A 237 1.73 -5.42 13.27
C PHE A 237 1.85 -6.84 12.72
N ILE A 238 1.78 -7.02 11.40
CA ILE A 238 1.95 -8.32 10.78
C ILE A 238 3.39 -8.33 10.30
N ASN A 239 4.29 -8.97 11.05
CA ASN A 239 5.64 -9.20 10.68
C ASN A 239 5.83 -10.29 9.71
N ALA A 240 6.85 -10.26 8.84
CA ALA A 240 7.07 -11.29 7.87
C ALA A 240 8.46 -11.89 7.98
N GLU A 241 8.57 -13.17 7.69
N GLU A 241 8.54 -13.23 7.75
CA GLU A 241 9.84 -13.89 7.72
CA GLU A 241 9.87 -13.85 7.70
C GLU A 241 10.09 -14.48 6.35
C GLU A 241 10.07 -14.43 6.36
N PRO A 242 11.15 -14.06 5.66
CA PRO A 242 12.17 -13.11 6.08
C PRO A 242 11.82 -11.65 5.97
N GLY A 243 10.62 -11.31 5.35
CA GLY A 243 10.30 -9.92 5.28
C GLY A 243 11.17 -9.27 4.27
N ALA A 244 11.08 -7.93 4.10
CA ALA A 244 11.83 -7.20 3.15
C ALA A 244 12.13 -5.82 3.57
N ILE A 245 11.14 -4.95 3.73
CA ILE A 245 11.38 -3.56 4.15
C ILE A 245 11.14 -3.37 5.59
N VAL A 246 10.45 -4.27 6.30
CA VAL A 246 10.34 -4.18 7.77
C VAL A 246 11.23 -5.30 8.38
N THR A 247 12.50 -5.00 8.45
CA THR A 247 13.51 -5.93 9.03
C THR A 247 14.43 -4.99 9.86
N GLY A 248 15.39 -5.63 10.57
CA GLY A 248 16.46 -4.84 11.24
C GLY A 248 16.01 -3.80 12.15
N ARG A 249 16.68 -2.69 12.05
CA ARG A 249 16.33 -1.56 12.86
CA ARG A 249 16.27 -1.58 12.93
C ARG A 249 14.82 -0.90 12.71
N MET A 250 14.32 -1.15 11.49
CA MET A 250 13.01 -0.66 11.17
C MET A 250 12.00 -1.52 11.92
N ARG A 251 12.24 -2.80 11.93
CA ARG A 251 11.39 -3.69 12.66
C ARG A 251 11.52 -3.45 14.15
N ASP A 252 12.72 -3.19 14.64
CA ASP A 252 12.80 -2.85 16.06
C ASP A 252 11.93 -1.61 16.41
N PHE A 253 11.96 -0.61 15.54
CA PHE A 253 11.24 0.63 15.72
C PHE A 253 9.72 0.35 15.77
N CYS A 254 9.16 -0.28 14.78
CA CYS A 254 7.75 -0.47 14.85
C CYS A 254 7.33 -1.40 15.95
N ARG A 255 8.20 -2.29 16.36
CA ARG A 255 7.84 -3.14 17.48
C ARG A 255 7.77 -2.34 18.78
N SER A 256 8.39 -1.19 18.87
CA SER A 256 8.36 -0.33 20.07
C SER A 256 7.06 0.41 20.18
N TRP A 257 6.23 0.39 19.13
CA TRP A 257 4.98 1.17 19.17
C TRP A 257 3.98 0.68 20.22
N PRO A 258 3.25 1.61 20.82
CA PRO A 258 2.34 1.27 21.87
C PRO A 258 1.02 0.61 21.47
N ASN A 259 0.42 -0.12 22.38
CA ASN A 259 -0.90 -0.65 22.22
C ASN A 259 -0.99 -1.56 20.92
N GLN A 260 0.02 -2.38 20.74
CA GLN A 260 0.15 -3.14 19.57
C GLN A 260 0.28 -4.63 19.79
N THR A 261 -0.44 -5.38 19.00
CA THR A 261 -0.16 -6.86 18.97
C THR A 261 0.50 -7.21 17.65
N GLU A 262 1.17 -8.34 17.65
CA GLU A 262 1.95 -8.75 16.53
C GLU A 262 1.78 -10.22 16.22
N ILE A 263 1.83 -10.52 14.96
CA ILE A 263 1.90 -11.91 14.49
C ILE A 263 3.08 -12.00 13.53
N THR A 264 3.65 -13.15 13.17
CA THR A 264 4.62 -13.38 12.18
C THR A 264 4.02 -14.36 11.16
N VAL A 265 4.20 -14.08 9.89
CA VAL A 265 3.81 -14.99 8.83
C VAL A 265 4.99 -15.12 7.90
N LYS A 266 5.00 -16.18 7.03
CA LYS A 266 5.95 -16.32 5.99
C LYS A 266 5.72 -15.26 4.88
N GLY A 267 6.76 -14.72 4.30
CA GLY A 267 6.63 -13.77 3.22
C GLY A 267 7.81 -12.96 3.05
N ALA A 268 7.98 -12.37 1.87
CA ALA A 268 8.96 -11.40 1.59
C ALA A 268 8.36 -9.94 1.71
N HIS A 269 8.03 -9.39 0.56
CA HIS A 269 7.35 -8.07 0.62
C HIS A 269 5.88 -8.16 0.39
N PHE A 270 5.43 -8.83 -0.68
CA PHE A 270 4.01 -8.92 -1.08
C PHE A 270 3.37 -10.11 -0.32
N ILE A 271 3.33 -10.00 1.00
CA ILE A 271 3.11 -11.19 1.85
C ILE A 271 1.69 -11.65 1.75
N GLN A 272 0.74 -10.81 1.28
CA GLN A 272 -0.60 -11.23 1.06
C GLN A 272 -0.71 -12.40 0.09
N GLU A 273 0.30 -12.51 -0.82
CA GLU A 273 0.30 -13.63 -1.78
C GLU A 273 0.83 -14.89 -1.14
N ASP A 274 1.45 -14.82 0.01
CA ASP A 274 2.01 -16.01 0.63
C ASP A 274 1.27 -16.52 1.86
N SER A 275 0.71 -15.64 2.68
CA SER A 275 0.08 -15.99 3.94
C SER A 275 -1.25 -15.30 4.12
N PRO A 276 -2.18 -15.43 3.13
CA PRO A 276 -3.45 -14.76 3.32
C PRO A 276 -4.31 -15.19 4.45
N ASP A 277 -4.31 -16.52 4.75
CA ASP A 277 -5.26 -16.92 5.75
C ASP A 277 -4.83 -16.53 7.16
N GLU A 278 -3.52 -16.55 7.45
CA GLU A 278 -3.02 -16.08 8.73
C GLU A 278 -3.27 -14.55 8.84
N ILE A 279 -3.02 -13.87 7.74
CA ILE A 279 -3.21 -12.38 7.77
C ILE A 279 -4.65 -12.08 8.01
N GLY A 280 -5.53 -12.74 7.24
CA GLY A 280 -6.94 -12.53 7.40
C GLY A 280 -7.46 -12.84 8.75
N ALA A 281 -7.04 -13.98 9.36
CA ALA A 281 -7.50 -14.26 10.66
C ALA A 281 -7.05 -13.28 11.74
N ALA A 282 -5.85 -12.83 11.59
CA ALA A 282 -5.30 -11.83 12.58
C ALA A 282 -6.10 -10.50 12.45
N ILE A 283 -6.39 -10.10 11.25
CA ILE A 283 -7.12 -8.81 11.14
C ILE A 283 -8.50 -9.01 11.64
N ALA A 284 -9.15 -10.17 11.36
CA ALA A 284 -10.49 -10.43 11.87
C ALA A 284 -10.52 -10.44 13.40
N GLU A 285 -9.53 -11.02 14.04
CA GLU A 285 -9.52 -11.07 15.48
C GLU A 285 -9.38 -9.65 16.01
N PHE A 286 -8.54 -8.87 15.37
CA PHE A 286 -8.29 -7.41 15.81
C PHE A 286 -9.57 -6.64 15.68
N VAL A 287 -10.27 -6.75 14.52
CA VAL A 287 -11.49 -5.97 14.33
C VAL A 287 -12.57 -6.40 15.28
N ARG A 288 -12.71 -7.71 15.48
CA ARG A 288 -13.71 -8.20 16.42
C ARG A 288 -13.47 -7.67 17.81
N ARG A 289 -12.24 -7.65 18.21
CA ARG A 289 -11.82 -7.16 19.50
C ARG A 289 -12.18 -5.66 19.63
N LEU A 290 -11.85 -4.89 18.62
CA LEU A 290 -12.19 -3.46 18.64
C LEU A 290 -13.61 -3.15 18.55
N ARG A 291 -14.41 -3.97 17.94
CA ARG A 291 -15.78 -3.64 17.77
C ARG A 291 -16.77 -4.36 18.64
N VAL A 292 -16.32 -5.06 19.64
CA VAL A 292 -17.34 -5.88 20.47
C VAL A 292 -18.49 -5.10 21.19
CL CL B . 8.16 1.68 -4.72
NA NA C . -8.63 1.68 0.08
NA NA D . -6.43 -1.15 -2.06
NA NA E . -4.02 7.76 -5.70
NA NA F . 3.19 6.62 -8.55
C1 EDO G . 10.52 -5.31 -3.07
C1 EDO G . 11.05 -4.05 -1.58
O1 EDO G . 11.66 -5.96 -2.49
O1 EDO G . 10.05 -4.35 -2.82
C2 EDO G . 10.26 -4.00 -2.35
C2 EDO G . 12.01 -5.14 -1.44
O2 EDO G . 9.19 -3.30 -3.00
O2 EDO G . 11.94 -6.15 -2.61
#